data_7TRT
#
_entry.id   7TRT
#
_cell.length_a   44.205
_cell.length_b   51.449
_cell.length_c   79.454
_cell.angle_alpha   90.000
_cell.angle_beta   92.120
_cell.angle_gamma   90.000
#
_symmetry.space_group_name_H-M   'P 1 21 1'
#
loop_
_entity.id
_entity.type
_entity.pdbx_description
1 polymer 'Cytochrome P450'
2 non-polymer 'PROTOPORPHYRIN IX CONTAINING FE'
3 non-polymer '4-(furan-2-yl)benzoic acid'
4 non-polymer 'CHLORIDE ION'
5 non-polymer 'MAGNESIUM ION'
6 water water
#
_entity_poly.entity_id   1
_entity_poly.type   'polypeptide(L)'
_entity_poly.pdbx_seq_one_letter_code
;MISNSSAESISAPPNDSTIPHLAIDPFSLDFFDDPYPDQQTLRDAGPVVYLDKWNVYGVARYAEVHAVLNDPTTFCSSRG
VGLSDFKKEKPWRPPSLILEADPPAHTRPRAVLSKVLSPATMKTIRDGFAAAADAKVDELLQRGCIDAIADLAEAYPLSV
FPDAMGLKQEGREHLLPYAGLVFNAFGPPNELRQTAIERSAPHQAYVNEQCQRPNLAPGGFGACIHAFTDTGEITPDEAP
LLVRSLLSAGLDTTVNGIGAAVYCLARFPGELQRLRSDPTLARNAFEEAVRFESPVQTFFRTTTREVELGGAVIGEGEKV
LMFLGSANRDPRRWSDPDLYDITRKTSGHVGFGSGVHMCVGQLVARLEGEVMLSALARKVAAIDIDGPVKRRFNNTLRGL
ESLPVKLTPA
;
_entity_poly.pdbx_strand_id   A
#
# COMPACT_ATOMS: atom_id res chain seq x y z
N THR A 18 -28.57 12.38 13.68
CA THR A 18 -27.86 11.34 14.45
C THR A 18 -26.42 11.17 13.96
N ILE A 19 -26.23 11.06 12.65
CA ILE A 19 -24.87 10.98 12.11
C ILE A 19 -24.32 12.39 11.94
N PRO A 20 -23.15 12.71 12.49
CA PRO A 20 -22.61 14.05 12.29
C PRO A 20 -22.14 14.24 10.87
N HIS A 21 -22.34 15.45 10.35
CA HIS A 21 -21.91 15.84 9.01
C HIS A 21 -20.69 16.73 9.13
N LEU A 22 -19.62 16.36 8.42
CA LEU A 22 -18.41 17.15 8.45
C LEU A 22 -18.02 17.59 7.05
N ALA A 23 -17.35 18.74 6.96
CA ALA A 23 -16.89 19.36 5.71
C ALA A 23 -15.45 19.03 5.39
N ILE A 24 -14.79 18.20 6.21
CA ILE A 24 -13.40 17.84 5.97
C ILE A 24 -13.29 17.14 4.62
N ASP A 25 -12.29 17.54 3.84
CA ASP A 25 -12.05 16.90 2.54
C ASP A 25 -10.80 16.04 2.72
N PRO A 26 -10.97 14.72 2.83
CA PRO A 26 -9.80 13.83 2.99
C PRO A 26 -8.98 13.65 1.74
N PHE A 27 -9.32 14.32 0.65
CA PHE A 27 -8.55 14.26 -0.58
C PHE A 27 -8.00 15.62 -0.96
N SER A 28 -7.91 16.53 0.01
CA SER A 28 -7.39 17.89 -0.25
C SER A 28 -5.90 17.93 0.10
N LEU A 29 -5.17 18.85 -0.55
CA LEU A 29 -3.74 18.93 -0.26
C LEU A 29 -3.46 19.26 1.20
N ASP A 30 -4.29 20.12 1.83
CA ASP A 30 -4.04 20.41 3.24
C ASP A 30 -4.14 19.15 4.08
N PHE A 31 -5.13 18.30 3.79
CA PHE A 31 -5.30 17.06 4.53
C PHE A 31 -4.08 16.16 4.33
N PHE A 32 -3.62 16.03 3.08
CA PHE A 32 -2.45 15.17 2.85
C PHE A 32 -1.24 15.72 3.58
N ASP A 33 -1.10 17.03 3.62
CA ASP A 33 0.07 17.62 4.26
C ASP A 33 0.15 17.26 5.74
N ASP A 34 -0.99 17.14 6.43
CA ASP A 34 -0.97 16.74 7.83
C ASP A 34 -2.36 16.23 8.18
N PRO A 35 -2.60 14.94 8.05
CA PRO A 35 -3.95 14.40 8.23
C PRO A 35 -4.29 14.15 9.69
N TYR A 36 -3.33 14.29 10.62
CA TYR A 36 -3.56 13.71 11.95
C TYR A 36 -4.60 14.47 12.78
N PRO A 37 -4.60 15.80 12.77
CA PRO A 37 -5.68 16.53 13.50
C PRO A 37 -7.04 16.23 12.92
N ASP A 38 -7.20 16.28 11.60
CA ASP A 38 -8.50 15.99 11.03
C ASP A 38 -8.95 14.55 11.28
N GLN A 39 -7.99 13.62 11.33
CA GLN A 39 -8.34 12.24 11.66
C GLN A 39 -8.86 12.11 13.10
N GLN A 40 -8.24 12.83 14.06
CA GLN A 40 -8.82 12.88 15.40
C GLN A 40 -10.22 13.47 15.36
N THR A 41 -10.41 14.56 14.61
CA THR A 41 -11.76 15.15 14.54
C THR A 41 -12.76 14.12 14.00
N LEU A 42 -12.37 13.36 12.97
CA LEU A 42 -13.25 12.32 12.42
C LEU A 42 -13.53 11.20 13.42
N ARG A 43 -12.49 10.73 14.15
CA ARG A 43 -12.74 9.70 15.15
C ARG A 43 -13.63 10.21 16.26
N ASP A 44 -13.38 11.43 16.70
CA ASP A 44 -14.06 11.91 17.91
C ASP A 44 -15.46 12.41 17.63
N ALA A 45 -15.79 12.66 16.36
CA ALA A 45 -17.14 13.08 16.01
C ALA A 45 -18.16 11.98 16.20
N GLY A 46 -17.75 10.72 16.11
CA GLY A 46 -18.64 9.58 16.24
C GLY A 46 -18.08 8.37 15.51
N PRO A 47 -18.65 7.19 15.77
CA PRO A 47 -18.17 6.00 15.04
C PRO A 47 -18.41 6.06 13.54
N VAL A 48 -19.44 6.78 13.07
CA VAL A 48 -19.76 6.91 11.65
C VAL A 48 -20.05 8.38 11.42
N VAL A 49 -19.45 8.95 10.39
CA VAL A 49 -19.68 10.33 10.02
C VAL A 49 -20.20 10.38 8.59
N TYR A 50 -20.70 11.54 8.20
CA TYR A 50 -21.06 11.76 6.80
C TYR A 50 -20.23 12.91 6.26
N LEU A 51 -19.49 12.66 5.17
CA LEU A 51 -18.61 13.66 4.57
C LEU A 51 -19.35 14.37 3.45
N ASP A 52 -19.82 15.59 3.76
CA ASP A 52 -20.66 16.35 2.84
C ASP A 52 -19.94 16.72 1.56
N LYS A 53 -18.62 16.83 1.59
CA LYS A 53 -17.91 17.23 0.38
C LYS A 53 -18.09 16.22 -0.76
N TRP A 54 -18.21 14.93 -0.43
CA TRP A 54 -18.25 13.89 -1.43
C TRP A 54 -19.48 12.98 -1.31
N ASN A 55 -20.38 13.23 -0.36
CA ASN A 55 -21.56 12.40 -0.19
C ASN A 55 -21.22 10.94 0.06
N VAL A 56 -20.33 10.72 1.03
CA VAL A 56 -19.98 9.38 1.46
C VAL A 56 -20.00 9.30 2.98
N TYR A 57 -20.19 8.08 3.49
CA TYR A 57 -19.98 7.83 4.91
C TYR A 57 -18.50 7.65 5.19
N GLY A 58 -18.07 7.97 6.39
CA GLY A 58 -16.69 7.75 6.79
C GLY A 58 -16.61 7.04 8.12
N VAL A 59 -15.63 6.13 8.23
CA VAL A 59 -15.30 5.49 9.50
C VAL A 59 -13.81 5.64 9.75
N ALA A 60 -13.46 6.23 10.89
CA ALA A 60 -12.08 6.53 11.21
C ALA A 60 -11.55 5.82 12.44
N ARG A 61 -12.41 5.16 13.21
CA ARG A 61 -11.92 4.46 14.39
C ARG A 61 -11.53 3.04 14.02
N TYR A 62 -10.61 2.47 14.80
CA TYR A 62 -10.18 1.11 14.52
C TYR A 62 -11.37 0.13 14.47
N ALA A 63 -12.27 0.19 15.45
CA ALA A 63 -13.33 -0.80 15.55
C ALA A 63 -14.17 -0.86 14.29
N GLU A 64 -14.63 0.29 13.80
CA GLU A 64 -15.52 0.25 12.64
C GLU A 64 -14.76 -0.06 11.36
N VAL A 65 -13.54 0.45 11.22
CA VAL A 65 -12.73 0.06 10.06
C VAL A 65 -12.57 -1.45 10.01
N HIS A 66 -12.18 -2.05 11.13
CA HIS A 66 -12.03 -3.50 11.20
C HIS A 66 -13.35 -4.22 10.93
N ALA A 67 -14.46 -3.70 11.44
CA ALA A 67 -15.75 -4.35 11.18
C ALA A 67 -16.09 -4.32 9.71
N VAL A 68 -15.92 -3.16 9.07
CA VAL A 68 -16.29 -3.02 7.66
C VAL A 68 -15.44 -3.98 6.82
N LEU A 69 -14.12 -3.95 7.03
CA LEU A 69 -13.22 -4.84 6.26
C LEU A 69 -13.63 -6.30 6.39
N ASN A 70 -14.14 -6.70 7.55
CA ASN A 70 -14.43 -8.10 7.84
C ASN A 70 -15.87 -8.51 7.55
N ASP A 71 -16.67 -7.64 6.95
CA ASP A 71 -18.00 -7.99 6.45
C ASP A 71 -18.05 -7.67 4.95
N PRO A 72 -17.42 -8.49 4.10
CA PRO A 72 -17.42 -8.21 2.66
C PRO A 72 -18.77 -8.43 1.98
N THR A 73 -19.68 -9.19 2.62
CA THR A 73 -21.02 -9.34 2.05
C THR A 73 -21.78 -8.02 2.08
N THR A 74 -21.79 -7.36 3.22
CA THR A 74 -22.51 -6.10 3.38
C THR A 74 -21.73 -4.96 2.76
N PHE A 75 -20.40 -4.96 2.91
CA PHE A 75 -19.54 -3.86 2.45
C PHE A 75 -18.71 -4.41 1.31
N CYS A 76 -19.27 -4.37 0.13
CA CYS A 76 -18.69 -5.08 -0.98
C CYS A 76 -17.57 -4.29 -1.64
N SER A 77 -16.81 -5.00 -2.48
CA SER A 77 -15.73 -4.44 -3.30
C SER A 77 -16.03 -4.41 -4.78
N SER A 78 -17.03 -5.17 -5.25
CA SER A 78 -17.27 -5.27 -6.68
C SER A 78 -17.91 -4.03 -7.29
N ARG A 79 -18.38 -3.08 -6.48
CA ARG A 79 -18.81 -1.78 -6.98
C ARG A 79 -17.69 -0.76 -6.90
N GLY A 80 -16.47 -1.22 -6.70
CA GLY A 80 -15.30 -0.36 -6.71
C GLY A 80 -14.84 -0.04 -5.29
N VAL A 81 -13.52 0.08 -5.13
CA VAL A 81 -12.94 0.50 -3.85
C VAL A 81 -12.46 1.95 -3.89
N GLY A 82 -12.79 2.65 -4.97
CA GLY A 82 -12.67 4.09 -5.07
C GLY A 82 -14.01 4.78 -4.80
N LEU A 83 -14.00 6.11 -4.95
CA LEU A 83 -15.27 6.83 -4.79
C LEU A 83 -16.29 6.37 -5.81
N SER A 84 -15.86 6.12 -7.04
CA SER A 84 -16.79 5.79 -8.13
C SER A 84 -17.49 4.48 -7.84
N ASP A 85 -18.81 4.47 -8.06
CA ASP A 85 -19.62 3.27 -7.90
C ASP A 85 -19.80 2.65 -9.28
N PHE A 86 -19.27 1.45 -9.50
CA PHE A 86 -19.35 0.78 -10.80
C PHE A 86 -20.77 0.51 -11.24
N LYS A 87 -21.75 0.57 -10.32
CA LYS A 87 -23.15 0.46 -10.74
C LYS A 87 -23.66 1.75 -11.36
N LYS A 88 -22.93 2.85 -11.19
N LYS A 88 -22.91 2.83 -11.20
CA LYS A 88 -23.32 4.17 -11.67
CA LYS A 88 -23.33 4.16 -11.70
C LYS A 88 -22.44 4.70 -12.80
C LYS A 88 -22.41 4.67 -12.82
N GLU A 89 -21.14 4.39 -12.78
CA GLU A 89 -20.19 4.93 -13.75
C GLU A 89 -19.35 3.80 -14.29
N LYS A 90 -18.75 4.02 -15.44
CA LYS A 90 -17.89 3.01 -16.04
C LYS A 90 -16.53 3.05 -15.33
N PRO A 91 -15.96 1.91 -14.94
CA PRO A 91 -14.60 1.93 -14.38
C PRO A 91 -13.60 2.51 -15.38
N TRP A 92 -12.54 3.16 -14.88
CA TRP A 92 -11.58 3.79 -15.78
C TRP A 92 -10.74 2.78 -16.55
N ARG A 93 -10.59 1.55 -16.03
CA ARG A 93 -9.96 0.44 -16.71
C ARG A 93 -10.77 -0.80 -16.35
N PRO A 94 -10.66 -1.89 -17.11
CA PRO A 94 -11.41 -3.12 -16.76
C PRO A 94 -11.19 -3.49 -15.28
N PRO A 95 -12.24 -3.89 -14.57
CA PRO A 95 -12.08 -4.19 -13.14
C PRO A 95 -11.03 -5.25 -12.85
N SER A 96 -10.30 -5.03 -11.77
CA SER A 96 -9.44 -6.06 -11.24
C SER A 96 -10.25 -7.30 -10.86
N LEU A 97 -9.71 -8.47 -11.20
CA LEU A 97 -10.37 -9.75 -10.90
C LEU A 97 -10.24 -10.13 -9.44
N ILE A 98 -9.44 -9.39 -8.68
CA ILE A 98 -9.21 -9.71 -7.27
C ILE A 98 -9.66 -8.55 -6.38
N LEU A 99 -9.11 -7.34 -6.58
CA LEU A 99 -9.43 -6.23 -5.68
C LEU A 99 -10.88 -5.83 -5.82
N GLU A 100 -11.43 -5.86 -7.03
CA GLU A 100 -12.74 -5.34 -7.34
C GLU A 100 -13.73 -6.48 -7.58
N ALA A 101 -13.53 -7.58 -6.89
CA ALA A 101 -14.40 -8.74 -6.96
C ALA A 101 -14.78 -9.14 -5.54
N ASP A 102 -15.97 -9.70 -5.37
CA ASP A 102 -16.44 -10.22 -4.10
C ASP A 102 -16.42 -11.72 -4.14
N PRO A 103 -16.45 -12.38 -2.99
CA PRO A 103 -16.65 -13.84 -3.02
C PRO A 103 -18.03 -14.12 -3.58
N PRO A 104 -18.20 -15.20 -4.37
CA PRO A 104 -17.19 -16.23 -4.66
C PRO A 104 -16.29 -15.92 -5.86
N ALA A 105 -16.60 -14.91 -6.68
CA ALA A 105 -15.74 -14.64 -7.85
C ALA A 105 -14.31 -14.29 -7.44
N HIS A 106 -14.14 -13.68 -6.26
CA HIS A 106 -12.83 -13.34 -5.75
C HIS A 106 -11.96 -14.56 -5.43
N THR A 107 -12.58 -15.69 -5.06
CA THR A 107 -11.88 -16.69 -4.29
C THR A 107 -10.78 -17.39 -5.07
N ARG A 108 -11.09 -17.80 -6.31
CA ARG A 108 -10.08 -18.55 -7.05
C ARG A 108 -8.92 -17.68 -7.54
N PRO A 109 -9.17 -16.46 -8.06
CA PRO A 109 -8.04 -15.56 -8.37
C PRO A 109 -7.19 -15.26 -7.15
N ARG A 110 -7.83 -15.05 -6.01
CA ARG A 110 -7.09 -14.83 -4.77
C ARG A 110 -6.19 -16.00 -4.46
N ALA A 111 -6.72 -17.22 -4.58
CA ALA A 111 -5.92 -18.41 -4.28
C ALA A 111 -4.70 -18.52 -5.20
N VAL A 112 -4.86 -18.17 -6.47
CA VAL A 112 -3.71 -18.17 -7.39
C VAL A 112 -2.63 -17.18 -6.95
N LEU A 113 -3.03 -15.93 -6.70
CA LEU A 113 -2.03 -14.96 -6.25
C LEU A 113 -1.41 -15.35 -4.89
N SER A 114 -2.20 -15.96 -4.00
N SER A 114 -2.21 -15.93 -3.99
CA SER A 114 -1.65 -16.41 -2.73
CA SER A 114 -1.66 -16.42 -2.72
C SER A 114 -0.59 -17.48 -2.93
C SER A 114 -0.55 -17.44 -2.98
N LYS A 115 -0.79 -18.37 -3.91
CA LYS A 115 0.20 -19.41 -4.17
C LYS A 115 1.40 -18.84 -4.93
N VAL A 116 1.17 -17.87 -5.83
CA VAL A 116 2.29 -17.26 -6.53
C VAL A 116 3.21 -16.47 -5.59
N LEU A 117 2.65 -15.85 -4.53
CA LEU A 117 3.37 -15.05 -3.56
C LEU A 117 3.40 -15.75 -2.21
N SER A 118 3.52 -17.07 -2.22
CA SER A 118 3.28 -17.91 -1.04
C SER A 118 4.47 -17.91 -0.08
N PRO A 119 4.20 -18.34 1.16
CA PRO A 119 5.32 -18.57 2.09
C PRO A 119 6.43 -19.34 1.42
N ALA A 120 6.09 -20.43 0.72
CA ALA A 120 7.14 -21.19 0.07
C ALA A 120 7.89 -20.39 -1.01
N THR A 121 7.20 -19.52 -1.80
CA THR A 121 7.89 -18.77 -2.86
C THR A 121 8.94 -17.76 -2.32
N MET A 122 8.74 -17.23 -1.12
CA MET A 122 9.70 -16.28 -0.57
C MET A 122 11.10 -16.85 -0.47
N LYS A 123 11.19 -18.17 -0.31
CA LYS A 123 12.51 -18.86 -0.19
C LYS A 123 13.31 -18.77 -1.50
N THR A 124 12.64 -18.62 -2.65
N THR A 124 12.64 -18.62 -2.64
CA THR A 124 13.33 -18.52 -3.93
CA THR A 124 13.36 -18.54 -3.90
C THR A 124 13.90 -17.14 -4.20
C THR A 124 13.92 -17.14 -4.18
N ILE A 125 13.35 -16.10 -3.58
CA ILE A 125 13.78 -14.73 -3.86
C ILE A 125 14.59 -14.09 -2.74
N ARG A 126 14.58 -14.65 -1.54
CA ARG A 126 15.16 -13.93 -0.38
C ARG A 126 16.64 -13.63 -0.55
N ASP A 127 17.43 -14.58 -1.03
CA ASP A 127 18.88 -14.37 -1.14
C ASP A 127 19.18 -13.19 -2.05
N GLY A 128 18.50 -13.13 -3.21
CA GLY A 128 18.74 -12.04 -4.16
C GLY A 128 18.24 -10.71 -3.64
N PHE A 129 17.06 -10.70 -3.00
CA PHE A 129 16.54 -9.45 -2.43
C PHE A 129 17.46 -8.92 -1.35
N ALA A 130 17.98 -9.80 -0.51
CA ALA A 130 18.86 -9.37 0.57
C ALA A 130 20.18 -8.87 0.01
N ALA A 131 20.75 -9.59 -0.96
CA ALA A 131 22.00 -9.13 -1.57
C ALA A 131 21.83 -7.76 -2.21
N ALA A 132 20.70 -7.53 -2.88
CA ALA A 132 20.46 -6.22 -3.51
C ALA A 132 20.32 -5.12 -2.49
N ALA A 133 19.72 -5.43 -1.33
CA ALA A 133 19.55 -4.42 -0.30
C ALA A 133 20.89 -4.05 0.32
N ASP A 134 21.73 -5.06 0.62
CA ASP A 134 23.07 -4.79 1.14
C ASP A 134 23.90 -4.00 0.13
N ALA A 135 23.79 -4.37 -1.15
CA ALA A 135 24.55 -3.66 -2.18
C ALA A 135 24.12 -2.21 -2.29
N LYS A 136 22.80 -1.96 -2.20
CA LYS A 136 22.32 -0.59 -2.30
C LYS A 136 22.81 0.25 -1.13
N VAL A 137 22.76 -0.28 0.09
CA VAL A 137 23.23 0.47 1.22
C VAL A 137 24.74 0.74 1.11
N ASP A 138 25.52 -0.24 0.61
CA ASP A 138 26.96 0.00 0.43
C ASP A 138 27.19 1.12 -0.57
N GLU A 139 26.44 1.10 -1.67
CA GLU A 139 26.57 2.15 -2.68
C GLU A 139 26.22 3.51 -2.11
N LEU A 140 25.11 3.58 -1.35
CA LEU A 140 24.70 4.85 -0.78
C LEU A 140 25.71 5.39 0.21
N LEU A 141 26.36 4.49 0.97
CA LEU A 141 27.37 4.91 1.92
C LEU A 141 28.59 5.52 1.23
N GLN A 142 28.85 5.14 -0.03
CA GLN A 142 29.96 5.79 -0.74
C GLN A 142 29.63 7.24 -1.05
N ARG A 143 28.35 7.58 -1.23
CA ARG A 143 27.95 8.96 -1.50
C ARG A 143 27.74 9.75 -0.23
N GLY A 144 27.27 9.12 0.84
CA GLY A 144 27.08 9.77 2.12
C GLY A 144 25.77 10.51 2.22
N CYS A 145 25.64 11.58 1.44
CA CYS A 145 24.41 12.37 1.41
C CYS A 145 23.60 11.99 0.18
N ILE A 146 22.39 11.50 0.43
CA ILE A 146 21.58 10.86 -0.60
C ILE A 146 20.14 11.33 -0.40
N ASP A 147 19.29 11.04 -1.37
CA ASP A 147 17.85 11.26 -1.23
C ASP A 147 17.23 9.89 -0.96
N ALA A 148 16.76 9.68 0.26
CA ALA A 148 16.26 8.37 0.64
C ALA A 148 15.00 7.97 -0.13
N ILE A 149 14.39 8.89 -0.89
CA ILE A 149 13.29 8.47 -1.76
C ILE A 149 13.88 7.99 -3.09
N ALA A 150 14.31 8.89 -3.96
CA ALA A 150 14.80 8.44 -5.28
C ALA A 150 15.90 7.39 -5.16
N ASP A 151 16.83 7.58 -4.22
CA ASP A 151 18.04 6.77 -4.23
C ASP A 151 17.89 5.47 -3.42
N LEU A 152 16.83 5.33 -2.63
CA LEU A 152 16.70 4.16 -1.77
C LEU A 152 15.30 3.58 -1.85
N ALA A 153 14.29 4.34 -1.40
CA ALA A 153 12.91 3.84 -1.40
C ALA A 153 12.40 3.47 -2.78
N GLU A 154 12.76 4.26 -3.80
CA GLU A 154 12.43 3.93 -5.18
C GLU A 154 13.46 3.00 -5.80
N ALA A 155 14.75 3.32 -5.63
CA ALA A 155 15.78 2.56 -6.35
C ALA A 155 15.81 1.10 -5.93
N TYR A 156 15.65 0.81 -4.64
CA TYR A 156 15.70 -0.59 -4.23
C TYR A 156 14.57 -1.43 -4.81
N PRO A 157 13.31 -1.10 -4.59
CA PRO A 157 12.25 -1.92 -5.22
C PRO A 157 12.38 -1.96 -6.73
N LEU A 158 12.77 -0.87 -7.38
CA LEU A 158 13.02 -0.96 -8.84
C LEU A 158 14.11 -1.97 -9.17
N SER A 159 15.04 -2.18 -8.24
CA SER A 159 16.18 -3.07 -8.52
C SER A 159 15.83 -4.54 -8.30
N VAL A 160 14.69 -4.87 -7.70
CA VAL A 160 14.33 -6.26 -7.41
C VAL A 160 12.96 -6.66 -7.96
N PHE A 161 11.94 -5.77 -7.88
CA PHE A 161 10.58 -6.23 -8.13
C PHE A 161 10.28 -6.44 -9.62
N PRO A 162 10.62 -5.51 -10.50
CA PRO A 162 10.43 -5.78 -11.95
C PRO A 162 11.13 -7.05 -12.38
N ASP A 163 12.34 -7.30 -11.88
CA ASP A 163 13.01 -8.54 -12.24
C ASP A 163 12.29 -9.75 -11.68
N ALA A 164 11.80 -9.70 -10.42
CA ALA A 164 11.06 -10.83 -9.87
C ALA A 164 9.76 -11.09 -10.64
N MET A 165 9.14 -10.04 -11.19
CA MET A 165 7.97 -10.17 -12.04
C MET A 165 8.31 -10.86 -13.33
N GLY A 166 9.55 -10.71 -13.80
CA GLY A 166 9.95 -11.18 -15.13
C GLY A 166 9.85 -10.16 -16.25
N LEU A 167 9.80 -8.87 -15.94
CA LEU A 167 9.64 -7.84 -16.96
C LEU A 167 10.97 -7.60 -17.69
N LYS A 168 10.88 -7.28 -18.99
CA LYS A 168 12.07 -6.82 -19.69
C LYS A 168 12.58 -5.51 -19.08
N GLN A 169 13.81 -5.13 -19.42
CA GLN A 169 14.36 -3.85 -18.96
C GLN A 169 13.64 -2.65 -19.58
N GLU A 170 13.38 -2.71 -20.86
CA GLU A 170 12.84 -1.52 -21.58
C GLU A 170 11.44 -1.16 -21.08
N GLY A 171 11.25 0.11 -20.86
CA GLY A 171 9.93 0.62 -20.52
C GLY A 171 9.60 0.63 -19.05
N ARG A 172 10.53 0.22 -18.18
CA ARG A 172 10.22 0.17 -16.75
C ARG A 172 9.91 1.54 -16.16
N GLU A 173 10.28 2.62 -16.85
CA GLU A 173 9.91 3.96 -16.39
C GLU A 173 8.39 4.17 -16.36
N HIS A 174 7.61 3.29 -17.00
CA HIS A 174 6.16 3.41 -16.95
C HIS A 174 5.56 2.90 -15.64
N LEU A 175 6.31 2.16 -14.83
CA LEU A 175 5.71 1.40 -13.73
C LEU A 175 5.25 2.30 -12.59
N LEU A 176 6.13 3.18 -12.10
CA LEU A 176 5.70 4.09 -11.04
C LEU A 176 4.60 5.02 -11.50
N PRO A 177 4.65 5.62 -12.69
CA PRO A 177 3.52 6.46 -13.13
C PRO A 177 2.23 5.66 -13.22
N TYR A 178 2.28 4.42 -13.69
CA TYR A 178 1.06 3.63 -13.76
C TYR A 178 0.48 3.38 -12.39
N ALA A 179 1.33 3.01 -11.42
CA ALA A 179 0.83 2.77 -10.06
C ALA A 179 0.29 4.06 -9.43
N GLY A 180 0.98 5.19 -9.61
CA GLY A 180 0.45 6.44 -9.08
C GLY A 180 -0.94 6.74 -9.64
N LEU A 181 -1.13 6.43 -10.93
CA LEU A 181 -2.43 6.59 -11.59
C LEU A 181 -3.47 5.70 -10.92
N VAL A 182 -3.15 4.43 -10.73
CA VAL A 182 -4.11 3.51 -10.12
C VAL A 182 -4.56 4.04 -8.76
N PHE A 183 -3.62 4.48 -7.93
CA PHE A 183 -3.98 4.96 -6.61
C PHE A 183 -4.66 6.33 -6.62
N ASN A 184 -4.27 7.22 -7.54
CA ASN A 184 -5.04 8.45 -7.70
C ASN A 184 -6.47 8.18 -8.14
N ALA A 185 -6.67 7.14 -8.93
CA ALA A 185 -7.99 6.88 -9.50
C ALA A 185 -8.98 6.32 -8.50
N PHE A 186 -8.54 5.84 -7.34
CA PHE A 186 -9.51 5.54 -6.28
C PHE A 186 -10.13 6.78 -5.67
N GLY A 187 -9.52 7.96 -5.89
CA GLY A 187 -10.05 9.15 -5.26
C GLY A 187 -11.23 9.70 -6.00
N PRO A 188 -11.71 10.83 -5.51
CA PRO A 188 -12.79 11.54 -6.17
C PRO A 188 -12.27 12.19 -7.44
N PRO A 189 -13.15 12.71 -8.27
CA PRO A 189 -12.74 13.32 -9.56
C PRO A 189 -12.20 14.73 -9.35
N ASN A 190 -11.15 14.82 -8.56
CA ASN A 190 -10.41 16.04 -8.30
C ASN A 190 -9.28 16.19 -9.31
N GLU A 191 -8.48 17.24 -9.16
CA GLU A 191 -7.46 17.49 -10.17
C GLU A 191 -6.40 16.37 -10.18
N LEU A 192 -6.06 15.83 -9.02
CA LEU A 192 -5.08 14.75 -9.00
C LEU A 192 -5.54 13.60 -9.83
N ARG A 193 -6.83 13.21 -9.70
CA ARG A 193 -7.32 12.08 -10.45
C ARG A 193 -7.46 12.42 -11.92
N GLN A 194 -8.00 13.59 -12.23
CA GLN A 194 -8.28 13.84 -13.64
C GLN A 194 -7.00 14.03 -14.46
N THR A 195 -5.99 14.66 -13.85
N THR A 195 -5.98 14.66 -13.86
CA THR A 195 -4.69 14.80 -14.51
CA THR A 195 -4.72 14.78 -14.60
C THR A 195 -4.05 13.43 -14.72
C THR A 195 -4.02 13.42 -14.73
N ALA A 196 -4.14 12.56 -13.72
CA ALA A 196 -3.55 11.22 -13.87
C ALA A 196 -4.17 10.50 -15.05
N ILE A 197 -5.50 10.52 -15.15
CA ILE A 197 -6.17 9.81 -16.22
C ILE A 197 -5.84 10.42 -17.59
N GLU A 198 -5.75 11.76 -17.65
CA GLU A 198 -5.39 12.44 -18.90
C GLU A 198 -4.07 11.94 -19.46
N ARG A 199 -3.13 11.63 -18.58
CA ARG A 199 -1.76 11.26 -18.95
C ARG A 199 -1.56 9.76 -19.10
N SER A 200 -2.63 8.96 -18.95
CA SER A 200 -2.50 7.53 -18.68
C SER A 200 -2.22 6.67 -19.91
N ALA A 201 -2.56 7.11 -21.13
CA ALA A 201 -2.57 6.15 -22.22
C ALA A 201 -1.25 5.41 -22.42
N PRO A 202 -0.09 6.06 -22.41
CA PRO A 202 1.13 5.30 -22.70
C PRO A 202 1.49 4.33 -21.59
N HIS A 203 1.15 4.66 -20.33
CA HIS A 203 1.45 3.76 -19.22
C HIS A 203 0.53 2.54 -19.27
N GLN A 204 -0.77 2.75 -19.54
CA GLN A 204 -1.68 1.62 -19.72
C GLN A 204 -1.24 0.74 -20.85
N ALA A 205 -0.83 1.33 -21.98
CA ALA A 205 -0.43 0.53 -23.12
C ALA A 205 0.76 -0.34 -22.78
N TYR A 206 1.75 0.22 -22.09
CA TYR A 206 2.92 -0.57 -21.74
C TYR A 206 2.55 -1.68 -20.77
N VAL A 207 1.78 -1.34 -19.74
CA VAL A 207 1.47 -2.32 -18.70
C VAL A 207 0.64 -3.45 -19.28
N ASN A 208 -0.39 -3.12 -20.06
CA ASN A 208 -1.23 -4.18 -20.61
C ASN A 208 -0.41 -5.11 -21.49
N GLU A 209 0.54 -4.58 -22.26
CA GLU A 209 1.37 -5.42 -23.11
C GLU A 209 2.26 -6.39 -22.31
N GLN A 210 2.89 -5.91 -21.21
CA GLN A 210 3.76 -6.78 -20.44
C GLN A 210 3.00 -7.90 -19.76
N CYS A 211 1.67 -7.80 -19.68
CA CYS A 211 0.89 -8.82 -18.99
C CYS A 211 0.69 -10.07 -19.82
N GLN A 212 0.97 -10.01 -21.12
CA GLN A 212 0.80 -11.17 -21.99
C GLN A 212 1.92 -12.18 -21.76
N ARG A 213 1.55 -13.47 -21.82
CA ARG A 213 2.48 -14.54 -21.46
C ARG A 213 3.84 -14.49 -22.14
N PRO A 214 3.96 -14.18 -23.43
CA PRO A 214 5.30 -14.20 -24.05
C PRO A 214 6.24 -13.14 -23.52
N ASN A 215 5.73 -12.15 -22.79
CA ASN A 215 6.54 -11.01 -22.39
C ASN A 215 7.05 -11.13 -20.96
N LEU A 216 6.81 -12.28 -20.31
CA LEU A 216 7.14 -12.48 -18.91
C LEU A 216 8.17 -13.60 -18.79
N ALA A 217 9.31 -13.28 -18.22
CA ALA A 217 10.45 -14.18 -18.23
C ALA A 217 10.18 -15.44 -17.38
N PRO A 218 10.77 -16.56 -17.77
CA PRO A 218 10.50 -17.82 -17.06
C PRO A 218 10.85 -17.72 -15.58
N GLY A 219 10.02 -18.36 -14.75
CA GLY A 219 10.26 -18.44 -13.33
C GLY A 219 9.81 -17.23 -12.52
N GLY A 220 9.50 -16.09 -13.16
CA GLY A 220 9.07 -14.91 -12.41
C GLY A 220 7.59 -14.99 -12.05
N PHE A 221 7.14 -13.98 -11.30
CA PHE A 221 5.77 -14.01 -10.79
C PHE A 221 4.75 -14.06 -11.94
N GLY A 222 5.01 -13.29 -13.01
CA GLY A 222 4.07 -13.25 -14.13
C GLY A 222 3.93 -14.59 -14.80
N ALA A 223 5.08 -15.24 -15.10
CA ALA A 223 5.04 -16.55 -15.72
C ALA A 223 4.32 -17.54 -14.80
N CYS A 224 4.53 -17.40 -13.49
CA CYS A 224 3.89 -18.31 -12.56
CA CYS A 224 3.90 -18.32 -12.57
C CYS A 224 2.38 -18.14 -12.56
N ILE A 225 1.89 -16.91 -12.68
CA ILE A 225 0.44 -16.71 -12.78
C ILE A 225 -0.09 -17.42 -14.03
N HIS A 226 0.58 -17.21 -15.17
CA HIS A 226 0.15 -17.87 -16.41
C HIS A 226 0.19 -19.39 -16.27
N ALA A 227 1.16 -19.94 -15.51
CA ALA A 227 1.22 -21.40 -15.35
C ALA A 227 0.02 -21.95 -14.61
N PHE A 228 -0.66 -21.14 -13.78
CA PHE A 228 -1.82 -21.63 -13.05
C PHE A 228 -3.05 -21.77 -13.91
N THR A 229 -2.98 -21.37 -15.18
CA THR A 229 -4.15 -21.38 -16.05
C THR A 229 -4.46 -22.76 -16.55
N ASP A 230 -3.68 -23.76 -16.09
N ASP A 230 -3.77 -23.81 -16.14
CA ASP A 230 -3.77 -25.20 -16.40
CA ASP A 230 -4.17 -25.15 -16.55
C ASP A 230 -4.57 -25.96 -15.37
C ASP A 230 -4.58 -26.00 -15.35
N THR A 231 -4.73 -25.40 -14.17
CA THR A 231 -5.20 -26.12 -12.99
C THR A 231 -6.70 -26.04 -12.82
N GLY A 232 -7.36 -25.20 -13.60
CA GLY A 232 -8.75 -24.94 -13.35
C GLY A 232 -9.04 -23.84 -12.34
N GLU A 233 -8.01 -23.24 -11.76
CA GLU A 233 -8.28 -22.13 -10.84
C GLU A 233 -8.58 -20.84 -11.58
N ILE A 234 -7.87 -20.58 -12.68
CA ILE A 234 -8.10 -19.43 -13.54
C ILE A 234 -7.96 -19.90 -14.98
N THR A 235 -8.58 -19.18 -15.88
CA THR A 235 -8.41 -19.49 -17.29
C THR A 235 -7.34 -18.62 -17.90
N PRO A 236 -6.84 -18.99 -19.08
CA PRO A 236 -5.84 -18.15 -19.75
C PRO A 236 -6.19 -16.69 -19.87
N ASP A 237 -7.46 -16.36 -20.19
CA ASP A 237 -7.86 -14.95 -20.33
C ASP A 237 -7.96 -14.21 -19.01
N GLU A 238 -7.85 -14.87 -17.85
CA GLU A 238 -7.74 -14.17 -16.56
C GLU A 238 -6.31 -13.82 -16.19
N ALA A 239 -5.32 -14.55 -16.73
CA ALA A 239 -3.95 -14.35 -16.26
C ALA A 239 -3.44 -12.95 -16.53
N PRO A 240 -3.62 -12.35 -17.71
CA PRO A 240 -3.06 -10.99 -17.89
C PRO A 240 -3.57 -10.00 -16.87
N LEU A 241 -4.85 -10.03 -16.52
CA LEU A 241 -5.35 -9.07 -15.53
C LEU A 241 -4.77 -9.36 -14.16
N LEU A 242 -4.46 -10.62 -13.85
CA LEU A 242 -3.80 -10.91 -12.56
C LEU A 242 -2.35 -10.43 -12.54
N VAL A 243 -1.62 -10.55 -13.65
CA VAL A 243 -0.33 -9.90 -13.75
C VAL A 243 -0.50 -8.40 -13.55
N ARG A 244 -1.55 -7.83 -14.15
CA ARG A 244 -1.80 -6.40 -14.00
C ARG A 244 -1.97 -6.03 -12.54
N SER A 245 -2.62 -6.89 -11.76
CA SER A 245 -2.78 -6.60 -10.32
C SER A 245 -1.43 -6.44 -9.64
N LEU A 246 -0.46 -7.30 -9.92
CA LEU A 246 0.83 -7.18 -9.24
C LEU A 246 1.60 -5.95 -9.70
N LEU A 247 1.52 -5.60 -10.99
CA LEU A 247 2.14 -4.36 -11.50
C LEU A 247 1.43 -3.09 -11.01
N SER A 248 0.18 -3.19 -10.59
CA SER A 248 -0.56 -2.06 -10.05
C SER A 248 -0.22 -1.85 -8.59
N ALA A 249 -0.24 -2.95 -7.83
CA ALA A 249 -0.31 -2.88 -6.38
C ALA A 249 1.01 -3.17 -5.69
N GLY A 250 2.02 -3.63 -6.43
CA GLY A 250 3.17 -4.24 -5.77
C GLY A 250 4.46 -3.45 -5.80
N LEU A 251 4.48 -2.25 -6.37
CA LEU A 251 5.72 -1.47 -6.46
C LEU A 251 5.63 -0.18 -5.65
N ASP A 252 4.67 0.69 -5.97
N ASP A 252 4.70 0.73 -5.97
CA ASP A 252 4.60 2.01 -5.34
CA ASP A 252 4.68 2.03 -5.29
C ASP A 252 4.26 1.89 -3.86
C ASP A 252 4.22 1.94 -3.84
N THR A 253 3.46 0.88 -3.50
CA THR A 253 3.19 0.61 -2.10
C THR A 253 4.49 0.35 -1.35
N THR A 254 5.34 -0.52 -1.88
CA THR A 254 6.60 -0.84 -1.19
C THR A 254 7.55 0.35 -1.18
N VAL A 255 7.56 1.19 -2.21
CA VAL A 255 8.34 2.41 -2.20
C VAL A 255 7.95 3.24 -1.01
N ASN A 256 6.65 3.43 -0.83
CA ASN A 256 6.18 4.29 0.25
C ASN A 256 6.37 3.60 1.60
N GLY A 257 6.28 2.27 1.67
CA GLY A 257 6.57 1.59 2.94
C GLY A 257 8.02 1.73 3.36
N ILE A 258 8.94 1.51 2.42
CA ILE A 258 10.36 1.62 2.75
C ILE A 258 10.70 3.06 3.06
N GLY A 259 10.19 4.00 2.26
CA GLY A 259 10.39 5.41 2.56
C GLY A 259 9.87 5.77 3.94
N ALA A 260 8.70 5.22 4.31
CA ALA A 260 8.15 5.51 5.63
C ALA A 260 9.09 4.99 6.70
N ALA A 261 9.61 3.79 6.53
CA ALA A 261 10.52 3.21 7.54
C ALA A 261 11.79 4.05 7.70
N VAL A 262 12.39 4.47 6.59
CA VAL A 262 13.58 5.31 6.69
C VAL A 262 13.25 6.63 7.33
N TYR A 263 12.08 7.21 6.99
CA TYR A 263 11.71 8.47 7.62
C TYR A 263 11.52 8.29 9.12
N CYS A 264 10.94 7.16 9.53
CA CYS A 264 10.74 6.93 10.96
C CYS A 264 12.09 6.81 11.65
N LEU A 265 13.03 6.07 11.07
CA LEU A 265 14.35 5.90 11.70
C LEU A 265 15.11 7.22 11.71
N ALA A 266 14.91 8.06 10.71
CA ALA A 266 15.56 9.36 10.68
C ALA A 266 15.00 10.29 11.76
N ARG A 267 13.71 10.21 12.04
CA ARG A 267 13.06 11.09 13.00
C ARG A 267 13.19 10.58 14.43
N PHE A 268 13.43 9.29 14.61
N PHE A 268 13.38 9.26 14.61
CA PHE A 268 13.44 8.68 15.94
CA PHE A 268 13.41 8.61 15.94
C PHE A 268 14.74 7.92 16.11
C PHE A 268 14.76 7.91 16.06
N PRO A 269 15.85 8.64 16.32
CA PRO A 269 17.16 7.99 16.35
C PRO A 269 17.29 6.96 17.45
N GLY A 270 16.57 7.12 18.56
CA GLY A 270 16.61 6.09 19.59
C GLY A 270 16.16 4.74 19.06
N GLU A 271 15.22 4.76 18.12
CA GLU A 271 14.78 3.49 17.55
C GLU A 271 15.79 2.95 16.55
N LEU A 272 16.48 3.82 15.79
CA LEU A 272 17.58 3.32 14.99
C LEU A 272 18.63 2.64 15.87
N GLN A 273 18.91 3.23 17.03
CA GLN A 273 19.92 2.64 17.92
CA GLN A 273 19.92 2.64 17.92
C GLN A 273 19.48 1.28 18.43
N ARG A 274 18.19 1.12 18.78
CA ARG A 274 17.71 -0.19 19.19
C ARG A 274 17.81 -1.18 18.04
N LEU A 275 17.49 -0.73 16.83
CA LEU A 275 17.55 -1.64 15.68
C LEU A 275 18.99 -2.07 15.40
N ARG A 276 19.96 -1.15 15.49
CA ARG A 276 21.35 -1.55 15.33
C ARG A 276 21.75 -2.56 16.38
N SER A 277 21.24 -2.40 17.60
CA SER A 277 21.70 -3.31 18.63
C SER A 277 21.09 -4.69 18.49
N ASP A 278 19.96 -4.81 17.80
CA ASP A 278 19.34 -6.11 17.54
C ASP A 278 18.72 -6.10 16.15
N PRO A 279 19.52 -6.41 15.13
CA PRO A 279 18.98 -6.38 13.76
C PRO A 279 17.84 -7.34 13.52
N THR A 280 17.61 -8.33 14.40
CA THR A 280 16.46 -9.21 14.20
C THR A 280 15.15 -8.48 14.41
N LEU A 281 15.18 -7.25 14.96
CA LEU A 281 13.99 -6.41 15.03
C LEU A 281 13.59 -5.81 13.69
N ALA A 282 14.35 -6.07 12.61
CA ALA A 282 14.12 -5.41 11.33
C ALA A 282 12.70 -5.66 10.80
N ARG A 283 12.21 -6.89 10.88
CA ARG A 283 10.88 -7.15 10.32
C ARG A 283 9.82 -6.39 11.11
N ASN A 284 9.92 -6.37 12.45
CA ASN A 284 8.92 -5.63 13.24
C ASN A 284 9.09 -4.12 13.09
N ALA A 285 10.32 -3.65 12.89
CA ALA A 285 10.53 -2.20 12.65
C ALA A 285 9.82 -1.78 11.37
N PHE A 286 9.80 -2.64 10.36
CA PHE A 286 9.13 -2.34 9.12
C PHE A 286 7.63 -2.42 9.31
N GLU A 287 7.14 -3.46 9.99
CA GLU A 287 5.71 -3.55 10.28
C GLU A 287 5.21 -2.32 11.03
N GLU A 288 5.98 -1.87 12.03
CA GLU A 288 5.61 -0.68 12.81
C GLU A 288 5.59 0.55 11.92
N ALA A 289 6.52 0.68 10.95
CA ALA A 289 6.45 1.79 10.00
C ALA A 289 5.17 1.72 9.15
N VAL A 290 4.76 0.53 8.74
CA VAL A 290 3.50 0.39 8.01
C VAL A 290 2.32 0.85 8.87
N ARG A 291 2.30 0.48 10.17
CA ARG A 291 1.23 0.98 11.02
C ARG A 291 1.32 2.49 11.16
N PHE A 292 2.53 3.01 11.43
CA PHE A 292 2.69 4.41 11.82
C PHE A 292 2.43 5.37 10.67
N GLU A 293 2.92 5.08 9.47
CA GLU A 293 2.73 5.95 8.34
C GLU A 293 1.61 5.50 7.38
N SER A 294 1.18 4.27 7.46
CA SER A 294 0.21 3.63 6.58
C SER A 294 0.23 4.00 5.10
N PRO A 295 1.22 3.57 4.35
CA PRO A 295 1.27 3.87 2.90
C PRO A 295 -0.04 3.96 2.18
N VAL A 296 -0.93 3.02 2.42
CA VAL A 296 -2.28 3.07 1.89
C VAL A 296 -3.18 3.66 2.96
N GLN A 297 -3.63 4.90 2.74
CA GLN A 297 -4.33 5.65 3.78
C GLN A 297 -5.82 5.36 3.86
N THR A 298 -6.49 5.23 2.72
CA THR A 298 -7.95 5.21 2.65
C THR A 298 -8.35 4.41 1.44
N PHE A 299 -9.53 3.83 1.53
CA PHE A 299 -10.24 3.36 0.34
C PHE A 299 -11.64 2.97 0.80
N PHE A 300 -12.45 2.51 -0.13
CA PHE A 300 -13.90 2.47 0.04
C PHE A 300 -14.46 1.05 -0.03
N ARG A 301 -15.68 0.91 0.51
CA ARG A 301 -16.59 -0.19 0.20
C ARG A 301 -17.92 0.42 -0.21
N THR A 302 -18.83 -0.40 -0.75
CA THR A 302 -20.19 0.04 -1.07
C THR A 302 -21.16 -0.88 -0.36
N THR A 303 -22.15 -0.32 0.34
CA THR A 303 -23.12 -1.18 1.03
C THR A 303 -24.04 -1.88 0.04
N THR A 304 -24.35 -3.15 0.34
CA THR A 304 -25.24 -3.97 -0.49
C THR A 304 -26.64 -4.08 0.11
N ARG A 305 -26.85 -3.54 1.32
CA ARG A 305 -28.16 -3.50 1.97
C ARG A 305 -28.09 -2.37 2.97
N GLU A 306 -29.25 -2.01 3.51
CA GLU A 306 -29.25 -1.18 4.70
C GLU A 306 -28.55 -1.90 5.82
N VAL A 307 -27.76 -1.17 6.62
CA VAL A 307 -26.90 -1.78 7.64
C VAL A 307 -26.77 -0.83 8.83
N GLU A 308 -26.73 -1.40 10.04
CA GLU A 308 -26.37 -0.68 11.26
C GLU A 308 -24.89 -0.89 11.53
N LEU A 309 -24.17 0.22 11.67
CA LEU A 309 -22.75 0.17 11.95
C LEU A 309 -22.46 1.16 13.06
N GLY A 310 -21.87 0.68 14.15
CA GLY A 310 -21.63 1.54 15.30
C GLY A 310 -22.81 2.41 15.65
N GLY A 311 -24.03 1.84 15.65
CA GLY A 311 -25.22 2.55 16.03
C GLY A 311 -25.85 3.44 14.99
N ALA A 312 -25.23 3.62 13.83
CA ALA A 312 -25.81 4.42 12.76
C ALA A 312 -26.43 3.49 11.71
N VAL A 313 -27.46 4.00 11.02
CA VAL A 313 -28.10 3.27 9.94
C VAL A 313 -27.62 3.84 8.62
N ILE A 314 -27.04 2.99 7.77
CA ILE A 314 -26.57 3.38 6.44
C ILE A 314 -27.42 2.66 5.40
N GLY A 315 -27.92 3.39 4.43
CA GLY A 315 -28.74 2.78 3.39
C GLY A 315 -27.95 1.92 2.42
N GLU A 316 -28.68 1.20 1.56
CA GLU A 316 -28.08 0.40 0.50
C GLU A 316 -27.42 1.31 -0.53
N GLY A 317 -26.38 0.78 -1.19
CA GLY A 317 -25.78 1.49 -2.30
C GLY A 317 -24.98 2.71 -1.94
N GLU A 318 -24.47 2.78 -0.70
CA GLU A 318 -23.74 3.94 -0.20
C GLU A 318 -22.26 3.63 -0.13
N LYS A 319 -21.45 4.61 -0.48
CA LYS A 319 -19.99 4.48 -0.35
C LYS A 319 -19.59 4.76 1.08
N VAL A 320 -18.68 3.94 1.58
CA VAL A 320 -18.16 4.03 2.94
C VAL A 320 -16.65 4.16 2.82
N LEU A 321 -16.12 5.31 3.25
CA LEU A 321 -14.67 5.57 3.24
C LEU A 321 -14.05 5.12 4.55
N MET A 322 -13.06 4.25 4.46
CA MET A 322 -12.32 3.80 5.63
C MET A 322 -11.01 4.52 5.71
N PHE A 323 -10.68 4.99 6.91
CA PHE A 323 -9.41 5.64 7.18
C PHE A 323 -8.49 4.65 7.87
N LEU A 324 -7.67 3.94 7.07
N LEU A 324 -7.67 3.94 7.07
CA LEU A 324 -6.76 2.93 7.63
CA LEU A 324 -6.77 2.93 7.61
C LEU A 324 -5.68 3.57 8.47
C LEU A 324 -5.68 3.57 8.47
N GLY A 325 -5.12 4.70 8.02
CA GLY A 325 -4.10 5.36 8.80
C GLY A 325 -4.64 5.84 10.13
N SER A 326 -5.87 6.33 10.14
CA SER A 326 -6.51 6.76 11.40
C SER A 326 -6.76 5.56 12.33
N ALA A 327 -7.28 4.46 11.79
CA ALA A 327 -7.49 3.26 12.58
C ALA A 327 -6.20 2.83 13.24
N ASN A 328 -5.08 2.96 12.52
CA ASN A 328 -3.76 2.60 13.01
C ASN A 328 -3.21 3.58 14.03
N ARG A 329 -3.86 4.74 14.23
CA ARG A 329 -3.48 5.68 15.27
C ARG A 329 -4.58 5.90 16.31
N ASP A 330 -5.57 5.03 16.36
CA ASP A 330 -6.72 5.28 17.22
C ASP A 330 -6.34 4.93 18.65
N PRO A 331 -6.35 5.88 19.58
CA PRO A 331 -5.99 5.55 20.98
C PRO A 331 -6.95 4.58 21.65
N ARG A 332 -8.14 4.37 21.11
CA ARG A 332 -9.03 3.34 21.63
C ARG A 332 -8.48 1.95 21.47
N ARG A 333 -7.56 1.77 20.51
CA ARG A 333 -6.96 0.49 20.20
C ARG A 333 -5.49 0.41 20.59
N TRP A 334 -4.73 1.50 20.43
CA TRP A 334 -3.28 1.49 20.56
C TRP A 334 -2.82 2.33 21.74
N SER A 335 -1.81 1.84 22.46
N SER A 335 -1.83 1.83 22.49
CA SER A 335 -1.16 2.64 23.49
CA SER A 335 -1.15 2.64 23.48
C SER A 335 -0.07 3.51 22.84
C SER A 335 -0.12 3.53 22.79
N ASP A 336 -0.09 4.81 23.15
CA ASP A 336 0.84 5.78 22.57
C ASP A 336 0.86 5.62 21.05
N PRO A 337 -0.29 5.78 20.41
CA PRO A 337 -0.39 5.47 18.98
C PRO A 337 0.52 6.32 18.12
N ASP A 338 0.87 7.51 18.57
CA ASP A 338 1.65 8.45 17.82
C ASP A 338 3.13 8.32 18.10
N LEU A 339 3.53 7.23 18.73
CA LEU A 339 4.96 6.93 18.87
C LEU A 339 5.35 5.78 17.94
N TYR A 340 6.55 5.86 17.38
CA TYR A 340 7.13 4.81 16.55
C TYR A 340 7.93 3.90 17.49
N ASP A 341 7.46 2.64 17.66
CA ASP A 341 8.07 1.75 18.65
C ASP A 341 8.34 0.40 17.99
N ILE A 342 9.63 0.11 17.74
CA ILE A 342 9.97 -1.07 16.93
C ILE A 342 9.76 -2.38 17.67
N THR A 343 9.48 -2.34 18.96
CA THR A 343 9.10 -3.57 19.67
C THR A 343 7.61 -3.64 19.97
N ARG A 344 6.81 -2.72 19.43
CA ARG A 344 5.37 -2.76 19.60
C ARG A 344 4.82 -4.11 19.14
N LYS A 345 3.78 -4.59 19.84
CA LYS A 345 2.97 -5.71 19.30
C LYS A 345 2.09 -5.12 18.21
N THR A 346 2.48 -5.32 16.95
CA THR A 346 1.81 -4.70 15.82
C THR A 346 0.67 -5.52 15.25
N SER A 347 0.52 -6.77 15.68
N SER A 347 0.52 -6.77 15.69
N SER A 347 0.51 -6.78 15.69
CA SER A 347 -0.51 -7.65 15.10
CA SER A 347 -0.52 -7.63 15.13
CA SER A 347 -0.51 -7.64 15.11
C SER A 347 -1.87 -7.00 15.26
C SER A 347 -1.88 -6.97 15.26
C SER A 347 -1.88 -6.99 15.25
N GLY A 348 -2.63 -6.97 14.17
CA GLY A 348 -3.94 -6.35 14.16
C GLY A 348 -3.97 -4.98 13.51
N HIS A 349 -2.82 -4.38 13.24
CA HIS A 349 -2.90 -3.15 12.47
C HIS A 349 -3.53 -3.46 11.13
N VAL A 350 -4.11 -2.41 10.52
CA VAL A 350 -4.86 -2.55 9.26
C VAL A 350 -4.12 -1.89 8.09
N GLY A 351 -2.80 -1.70 8.20
CA GLY A 351 -2.04 -1.15 7.08
C GLY A 351 -1.99 -2.04 5.84
N PHE A 352 -2.18 -3.35 6.00
CA PHE A 352 -2.33 -4.28 4.89
C PHE A 352 -3.77 -4.72 4.72
N GLY A 353 -4.70 -4.04 5.34
CA GLY A 353 -6.10 -4.45 5.31
C GLY A 353 -6.39 -5.53 6.35
N SER A 354 -7.52 -6.20 6.18
CA SER A 354 -7.94 -7.24 7.11
C SER A 354 -9.02 -8.06 6.43
N GLY A 355 -9.01 -9.37 6.66
CA GLY A 355 -10.04 -10.23 6.10
C GLY A 355 -9.70 -10.75 4.72
N VAL A 356 -10.72 -10.96 3.91
CA VAL A 356 -10.54 -11.75 2.71
C VAL A 356 -9.67 -11.07 1.66
N HIS A 357 -9.63 -9.74 1.65
CA HIS A 357 -8.80 -9.00 0.70
C HIS A 357 -7.46 -8.58 1.31
N MET A 358 -7.17 -8.96 2.54
CA MET A 358 -5.93 -8.51 3.15
C MET A 358 -4.75 -8.78 2.24
N CYS A 359 -3.87 -7.80 2.12
CA CYS A 359 -2.87 -7.74 1.06
C CYS A 359 -2.27 -9.09 0.73
N VAL A 360 -2.48 -9.54 -0.51
CA VAL A 360 -1.97 -10.84 -0.91
C VAL A 360 -0.48 -10.78 -1.13
N GLY A 361 0.08 -9.59 -1.34
CA GLY A 361 1.50 -9.36 -1.48
C GLY A 361 2.23 -9.08 -0.18
N GLN A 362 1.59 -9.28 0.99
CA GLN A 362 2.22 -8.86 2.23
C GLN A 362 3.58 -9.53 2.48
N LEU A 363 3.76 -10.78 2.04
CA LEU A 363 5.05 -11.42 2.29
C LEU A 363 6.16 -10.83 1.44
N VAL A 364 5.86 -10.40 0.21
CA VAL A 364 6.84 -9.68 -0.59
C VAL A 364 7.19 -8.33 0.04
N ALA A 365 6.15 -7.59 0.46
CA ALA A 365 6.40 -6.29 1.07
C ALA A 365 7.26 -6.41 2.33
N ARG A 366 6.90 -7.37 3.20
CA ARG A 366 7.67 -7.56 4.43
C ARG A 366 9.08 -8.02 4.11
N LEU A 367 9.26 -8.89 3.11
CA LEU A 367 10.62 -9.31 2.77
C LEU A 367 11.47 -8.13 2.34
N GLU A 368 10.99 -7.31 1.40
CA GLU A 368 11.76 -6.14 0.98
C GLU A 368 12.06 -5.21 2.15
N GLY A 369 11.03 -4.90 2.96
CA GLY A 369 11.27 -4.01 4.09
C GLY A 369 12.26 -4.61 5.07
N GLU A 370 12.11 -5.90 5.39
CA GLU A 370 13.01 -6.51 6.35
C GLU A 370 14.45 -6.44 5.88
N VAL A 371 14.71 -6.87 4.65
CA VAL A 371 16.10 -6.95 4.22
C VAL A 371 16.71 -5.57 4.09
N MET A 372 15.94 -4.55 3.70
CA MET A 372 16.51 -3.20 3.67
C MET A 372 16.82 -2.70 5.08
N LEU A 373 15.87 -2.89 6.00
CA LEU A 373 16.15 -2.45 7.37
C LEU A 373 17.28 -3.25 8.00
N SER A 374 17.47 -4.52 7.60
CA SER A 374 18.58 -5.30 8.14
C SER A 374 19.91 -4.73 7.63
N ALA A 375 19.96 -4.39 6.35
CA ALA A 375 21.16 -3.76 5.80
C ALA A 375 21.49 -2.46 6.50
N LEU A 376 20.48 -1.59 6.73
CA LEU A 376 20.72 -0.35 7.48
C LEU A 376 21.18 -0.65 8.88
N ALA A 377 20.53 -1.64 9.55
CA ALA A 377 20.88 -1.96 10.94
C ALA A 377 22.33 -2.37 11.05
N ARG A 378 22.85 -3.07 10.07
CA ARG A 378 24.20 -3.62 10.12
C ARG A 378 25.27 -2.63 9.62
N LYS A 379 24.90 -1.71 8.74
CA LYS A 379 25.87 -0.90 8.03
C LYS A 379 25.89 0.57 8.39
N VAL A 380 24.82 1.09 9.01
CA VAL A 380 24.64 2.53 9.18
C VAL A 380 24.61 2.84 10.67
N ALA A 381 25.38 3.87 11.07
CA ALA A 381 25.37 4.34 12.45
C ALA A 381 24.39 5.46 12.71
N ALA A 382 24.13 6.31 11.71
CA ALA A 382 23.23 7.43 11.89
C ALA A 382 22.58 7.79 10.58
N ILE A 383 21.35 8.30 10.68
CA ILE A 383 20.54 8.78 9.55
C ILE A 383 20.04 10.15 9.96
N ASP A 384 20.57 11.20 9.34
CA ASP A 384 20.29 12.58 9.72
C ASP A 384 19.66 13.29 8.53
N ILE A 385 18.45 13.80 8.72
CA ILE A 385 17.84 14.65 7.70
C ILE A 385 18.73 15.87 7.48
N ASP A 386 19.05 16.16 6.21
CA ASP A 386 20.00 17.24 5.91
C ASP A 386 19.57 18.09 4.71
N GLY A 387 18.29 18.18 4.45
CA GLY A 387 17.76 19.04 3.41
C GLY A 387 16.26 19.11 3.57
N PRO A 388 15.61 19.90 2.72
CA PRO A 388 14.14 20.04 2.81
C PRO A 388 13.43 18.72 2.52
N VAL A 389 12.48 18.38 3.37
CA VAL A 389 11.66 17.19 3.15
C VAL A 389 10.45 17.64 2.33
N LYS A 390 10.12 16.92 1.27
CA LYS A 390 9.01 17.26 0.39
C LYS A 390 8.04 16.10 0.34
N ARG A 391 6.76 16.39 0.49
CA ARG A 391 5.74 15.35 0.47
C ARG A 391 5.28 15.11 -0.95
N ARG A 392 4.89 13.87 -1.24
CA ARG A 392 4.31 13.49 -2.52
C ARG A 392 2.80 13.32 -2.31
N PHE A 393 2.00 13.93 -3.19
CA PHE A 393 0.55 13.92 -3.00
C PHE A 393 -0.14 12.90 -3.91
N ASN A 394 -1.00 12.08 -3.30
CA ASN A 394 -1.76 11.09 -4.05
C ASN A 394 -3.07 10.89 -3.31
N ASN A 395 -4.16 10.59 -4.04
CA ASN A 395 -5.46 10.49 -3.38
C ASN A 395 -5.54 9.37 -2.33
N THR A 396 -4.74 8.34 -2.43
N THR A 396 -4.72 8.33 -2.47
CA THR A 396 -4.84 7.31 -1.42
CA THR A 396 -4.81 7.13 -1.62
C THR A 396 -3.49 6.83 -0.87
C THR A 396 -3.50 6.84 -0.88
N LEU A 397 -2.36 7.12 -1.51
CA LEU A 397 -1.05 6.78 -0.95
C LEU A 397 -0.45 7.95 -0.16
N ARG A 398 0.18 7.64 0.98
CA ARG A 398 0.95 8.60 1.77
C ARG A 398 2.43 8.30 1.61
N GLY A 399 3.19 9.32 1.31
CA GLY A 399 4.63 9.14 1.25
C GLY A 399 5.32 10.42 0.86
N LEU A 400 6.64 10.33 0.77
CA LEU A 400 7.44 11.50 0.49
C LEU A 400 7.92 11.51 -0.96
N GLU A 401 8.15 12.72 -1.47
CA GLU A 401 8.78 12.97 -2.76
C GLU A 401 10.29 13.03 -2.62
N SER A 402 10.79 13.62 -1.55
N SER A 402 10.80 13.62 -1.55
CA SER A 402 12.22 13.80 -1.32
CA SER A 402 12.23 13.71 -1.35
C SER A 402 12.51 13.75 0.18
C SER A 402 12.54 13.77 0.14
N LEU A 403 13.56 13.01 0.53
CA LEU A 403 13.98 12.87 1.92
C LEU A 403 15.50 12.92 1.97
N PRO A 404 16.08 14.12 1.89
CA PRO A 404 17.57 14.23 1.96
C PRO A 404 18.09 13.79 3.31
N VAL A 405 18.97 12.79 3.30
CA VAL A 405 19.62 12.31 4.53
C VAL A 405 21.11 12.13 4.32
N LYS A 406 21.85 12.35 5.38
CA LYS A 406 23.24 11.90 5.48
C LYS A 406 23.26 10.56 6.21
N LEU A 407 23.89 9.57 5.58
CA LEU A 407 24.09 8.25 6.18
C LEU A 407 25.53 8.18 6.71
N THR A 408 25.68 7.93 8.01
CA THR A 408 27.04 7.73 8.53
C THR A 408 27.32 6.24 8.66
N PRO A 409 28.45 5.76 8.14
CA PRO A 409 28.76 4.32 8.22
C PRO A 409 29.00 3.87 9.65
N ALA A 410 28.65 2.61 9.90
CA ALA A 410 28.90 2.00 11.20
C ALA A 410 30.38 1.83 11.40
#